data_6I2A
#
_entry.id   6I2A
#
_cell.length_a   58.959
_cell.length_b   73.886
_cell.length_c   108.204
_cell.angle_alpha   90.00
_cell.angle_beta   90.00
_cell.angle_gamma   90.00
#
_symmetry.space_group_name_H-M   'P 21 21 21'
#
loop_
_entity.id
_entity.type
_entity.pdbx_description
1 polymer 'cAMP-dependent protein kinase catalytic subunit alpha'
2 polymer 'UPF0418 protein FAM164A'
3 non-polymer 5-(1,4-DIAZEPAN-1-SULFONYL)ISOQUINOLINE
4 non-polymer beta-D-ribopyranose
5 water water
#
loop_
_entity_poly.entity_id
_entity_poly.type
_entity_poly.pdbx_seq_one_letter_code
_entity_poly.pdbx_strand_id
1 'polypeptide(L)'
;GHMGNAAAAKKG(SEP)EQESVKEFLAKAKEEFLKKWESPSQNTAQLDHFDRIKTLGTGSFGRVMLVKHKETGNHYAMKI
LDKQKVVKLKQIEHTLNEKRILQAVNFPFLVKLEFSFKDNSNLYMVMEYVPGGEMFSHLRRIGRF(SEP)EPHARFYAAQ
IVLTFEYLHSLDLIYRDLKPENLLIDQQGYIQVTDFGFAKRVKGRTW(TPO)LCGTPEYLAPEIILSKGYNKAVDWWALG
VLIYEMAAGYPPFFADQPIQIYEKIVSGKVRFPSHFSSDLKDLLRNLLQVDLTKRFGNLKNGVNDIKNHKWFATTDWIAI
YQRKVEAPFIPKFKGPGDTSNFDDYEEEEIRV(SEP)INEKCGKEFTEF
;
A
2 'polypeptide(L)' TTYADFIASGRTGRRDAI D
#
loop_
_chem_comp.id
_chem_comp.type
_chem_comp.name
_chem_comp.formula
M77 non-polymer 5-(1,4-DIAZEPAN-1-SULFONYL)ISOQUINOLINE 'C14 H17 N3 O2 S'
RIP D-saccharide, beta linking beta-D-ribopyranose 'C5 H10 O5'
#
# COMPACT_ATOMS: atom_id res chain seq x y z
N GLY A 1 3.06 24.18 -28.81
CA GLY A 1 2.55 23.11 -27.89
C GLY A 1 2.84 23.46 -26.46
N HIS A 2 2.63 22.54 -25.52
CA HIS A 2 2.83 22.90 -24.13
C HIS A 2 4.29 22.92 -23.74
N MET A 3 5.16 22.24 -24.49
CA MET A 3 6.56 22.15 -24.16
C MET A 3 7.43 22.65 -25.31
N GLY A 4 8.46 23.41 -24.96
CA GLY A 4 9.51 23.72 -25.90
C GLY A 4 10.40 22.52 -26.15
N ASN A 5 11.40 22.72 -27.01
CA ASN A 5 12.24 21.63 -27.47
C ASN A 5 13.01 21.00 -26.31
N ALA A 6 13.63 21.82 -25.47
CA ALA A 6 14.47 21.31 -24.39
C ALA A 6 13.63 20.54 -23.37
N ALA A 7 12.45 21.04 -23.04
CA ALA A 7 11.62 20.37 -22.05
C ALA A 7 11.09 19.05 -22.60
N ALA A 8 10.71 19.04 -23.87
CA ALA A 8 10.16 17.82 -24.46
C ALA A 8 11.23 16.76 -24.62
N ALA A 9 12.44 17.17 -25.01
CA ALA A 9 13.53 16.20 -25.13
C ALA A 9 13.87 15.61 -23.77
N LYS A 10 13.88 16.44 -22.73
CA LYS A 10 14.21 15.96 -21.39
C LYS A 10 13.14 14.97 -20.90
N LYS A 11 11.87 15.28 -21.10
CA LYS A 11 10.80 14.37 -20.67
C LYS A 11 10.82 13.08 -21.46
N GLY A 12 11.08 13.15 -22.77
CA GLY A 12 11.15 11.93 -23.58
C GLY A 12 12.26 10.99 -23.12
N SEP A 13 13.43 11.55 -22.84
CA SEP A 13 14.57 10.76 -22.36
CB SEP A 13 15.82 11.63 -22.31
OG SEP A 13 16.85 10.99 -21.56
C SEP A 13 14.33 10.15 -20.99
O SEP A 13 14.70 9.00 -20.74
P SEP A 13 18.36 11.29 -22.12
O1P SEP A 13 18.52 12.88 -22.12
O2P SEP A 13 19.30 10.48 -21.11
O3P SEP A 13 18.44 10.66 -23.59
H SEP A 13 13.60 12.38 -22.93
HA SEP A 13 14.74 10.04 -22.99
HB2 SEP A 13 15.62 12.47 -21.88
HB3 SEP A 13 16.15 11.78 -23.21
N GLU A 14 13.77 10.94 -20.06
CA GLU A 14 13.30 10.44 -18.76
C GLU A 14 12.35 9.25 -18.87
N GLN A 15 11.33 9.35 -19.72
CA GLN A 15 10.38 8.26 -19.88
C GLN A 15 11.06 7.01 -20.45
N GLU A 16 12.01 7.19 -21.39
CA GLU A 16 12.77 6.04 -21.88
C GLU A 16 13.62 5.42 -20.77
N SER A 17 14.23 6.24 -19.93
CA SER A 17 15.04 5.66 -18.86
C SER A 17 14.21 4.87 -17.87
N VAL A 18 12.97 5.30 -17.60
CA VAL A 18 12.09 4.53 -16.73
C VAL A 18 11.82 3.16 -17.33
N LYS A 19 11.55 3.12 -18.64
CA LYS A 19 11.34 1.84 -19.33
C LYS A 19 12.54 0.93 -19.14
N GLU A 20 13.74 1.49 -19.26
CA GLU A 20 14.96 0.71 -19.13
C GLU A 20 15.11 0.15 -17.71
N PHE A 21 14.84 0.98 -16.72
CA PHE A 21 14.89 0.54 -15.33
C PHE A 21 13.88 -0.60 -15.08
N LEU A 22 12.65 -0.39 -15.52
CA LEU A 22 11.58 -1.35 -15.24
C LEU A 22 11.85 -2.70 -15.88
N ALA A 23 12.44 -2.70 -17.07
CA ALA A 23 12.81 -3.96 -17.71
C ALA A 23 13.82 -4.73 -16.88
N LYS A 24 14.82 -4.04 -16.32
CA LYS A 24 15.77 -4.75 -15.48
C LYS A 24 15.13 -5.20 -14.17
N ALA A 25 14.26 -4.36 -13.60
CA ALA A 25 13.59 -4.72 -12.35
C ALA A 25 12.73 -5.96 -12.53
N LYS A 26 12.05 -6.06 -13.67
CA LYS A 26 11.24 -7.25 -13.97
C LYS A 26 12.09 -8.50 -14.10
N GLU A 27 13.24 -8.42 -14.78
CA GLU A 27 14.11 -9.59 -14.86
C GLU A 27 14.55 -10.04 -13.48
N GLU A 28 14.96 -9.10 -12.62
CA GLU A 28 15.39 -9.44 -11.27
C GLU A 28 14.25 -10.05 -10.46
N PHE A 29 13.03 -9.51 -10.58
CA PHE A 29 11.89 -10.05 -9.84
C PHE A 29 11.60 -11.49 -10.23
N LEU A 30 11.60 -11.78 -11.52
CA LEU A 30 11.24 -13.12 -11.97
C LEU A 30 12.25 -14.17 -11.53
N LYS A 31 13.52 -13.82 -11.42
CA LYS A 31 14.51 -14.78 -10.93
C LYS A 31 14.23 -15.14 -9.48
N LYS A 32 13.90 -14.14 -8.67
CA LYS A 32 13.59 -14.37 -7.28
C LYS A 32 12.26 -15.08 -7.12
N TRP A 33 11.33 -14.87 -8.05
CA TRP A 33 10.05 -15.55 -7.96
C TRP A 33 10.22 -17.05 -8.08
N GLU A 34 11.08 -17.48 -8.99
CA GLU A 34 11.27 -18.90 -9.28
C GLU A 34 12.03 -19.61 -8.18
N SER A 35 12.93 -18.92 -7.50
CA SER A 35 13.77 -19.52 -6.46
C SER A 35 13.55 -18.80 -5.13
N PRO A 36 12.40 -18.98 -4.49
CA PRO A 36 12.14 -18.26 -3.24
C PRO A 36 13.07 -18.67 -2.10
N SER A 37 13.38 -17.71 -1.24
CA SER A 37 14.13 -17.96 -0.02
C SER A 37 13.22 -18.56 1.05
N GLN A 38 13.85 -19.24 2.02
CA GLN A 38 13.11 -20.10 2.92
C GLN A 38 13.94 -20.35 4.17
N ASN A 39 13.26 -20.40 5.33
CA ASN A 39 13.84 -20.85 6.60
C ASN A 39 15.17 -20.18 6.91
N THR A 40 15.15 -18.85 7.06
CA THR A 40 16.36 -18.07 7.23
C THR A 40 16.55 -17.52 8.64
N ALA A 41 15.79 -17.99 9.62
CA ALA A 41 16.03 -17.62 11.03
C ALA A 41 15.19 -18.58 11.88
N GLN A 42 15.18 -18.34 13.20
CA GLN A 42 14.34 -19.12 14.09
C GLN A 42 13.91 -18.24 15.25
N LEU A 43 12.87 -18.70 15.98
CA LEU A 43 12.18 -17.81 16.92
C LEU A 43 13.08 -17.37 18.07
N ASP A 44 13.94 -18.28 18.57
CA ASP A 44 14.79 -17.95 19.71
C ASP A 44 15.90 -16.98 19.37
N HIS A 45 16.02 -16.56 18.11
CA HIS A 45 16.95 -15.51 17.70
C HIS A 45 16.49 -14.11 18.09
N PHE A 46 15.27 -13.95 18.60
CA PHE A 46 14.67 -12.64 18.86
C PHE A 46 14.07 -12.55 20.26
N ASP A 47 14.15 -11.36 20.86
CA ASP A 47 13.36 -10.97 22.03
C ASP A 47 12.04 -10.36 21.57
N ARG A 48 10.93 -10.76 22.20
CA ARG A 48 9.62 -10.17 21.93
C ARG A 48 9.42 -8.94 22.80
N ILE A 49 9.11 -7.80 22.19
CA ILE A 49 9.04 -6.52 22.91
C ILE A 49 7.60 -6.08 23.14
N LYS A 50 6.82 -5.91 22.07
CA LYS A 50 5.48 -5.35 22.19
C LYS A 50 4.67 -5.71 20.95
N THR A 51 3.36 -5.84 21.13
CA THR A 51 2.47 -6.08 20.00
C THR A 51 2.20 -4.75 19.29
N LEU A 52 2.44 -4.72 17.98
CA LEU A 52 2.22 -3.52 17.17
C LEU A 52 0.88 -3.49 16.46
N GLY A 53 0.31 -4.65 16.17
CA GLY A 53 -0.93 -4.76 15.44
C GLY A 53 -1.53 -6.14 15.62
N THR A 54 -2.84 -6.22 15.80
CA THR A 54 -3.51 -7.49 16.03
C THR A 54 -4.83 -7.48 15.26
N GLY A 55 -5.22 -8.64 14.75
CA GLY A 55 -6.41 -8.71 13.92
C GLY A 55 -6.59 -10.10 13.35
N SER A 56 -7.59 -10.22 12.46
CA SER A 56 -7.90 -11.51 11.84
C SER A 56 -6.71 -12.03 11.03
N PHE A 57 -5.78 -11.17 10.64
CA PHE A 57 -4.59 -11.54 9.88
C PHE A 57 -3.48 -12.10 10.75
N GLY A 58 -3.75 -12.43 12.01
CA GLY A 58 -2.70 -12.74 12.95
C GLY A 58 -2.25 -11.48 13.70
N ARG A 59 -0.96 -11.38 14.02
CA ARG A 59 -0.47 -10.24 14.77
C ARG A 59 0.93 -9.86 14.30
N VAL A 60 1.32 -8.62 14.60
CA VAL A 60 2.64 -8.11 14.29
C VAL A 60 3.26 -7.63 15.58
N MET A 61 4.47 -8.10 15.86
CA MET A 61 5.15 -7.81 17.10
C MET A 61 6.47 -7.11 16.85
N LEU A 62 6.77 -6.12 17.69
CA LEU A 62 8.10 -5.55 17.69
C LEU A 62 9.03 -6.52 18.38
N VAL A 63 10.14 -6.84 17.71
CA VAL A 63 11.13 -7.77 18.27
C VAL A 63 12.51 -7.17 18.13
N LYS A 64 13.44 -7.74 18.90
CA LYS A 64 14.84 -7.36 18.87
C LYS A 64 15.68 -8.59 18.57
N HIS A 65 16.51 -8.51 17.54
CA HIS A 65 17.42 -9.59 17.18
C HIS A 65 18.50 -9.67 18.24
N LYS A 66 18.67 -10.86 18.82
CA LYS A 66 19.60 -11.01 19.94
C LYS A 66 21.03 -10.68 19.53
N GLU A 67 21.51 -11.27 18.44
CA GLU A 67 22.92 -11.12 18.05
C GLU A 67 23.24 -9.67 17.68
N THR A 68 22.45 -9.08 16.77
CA THR A 68 22.80 -7.79 16.18
C THR A 68 22.15 -6.61 16.88
N GLY A 69 21.13 -6.83 17.71
CA GLY A 69 20.46 -5.76 18.40
C GLY A 69 19.45 -4.99 17.57
N ASN A 70 19.30 -5.31 16.29
CA ASN A 70 18.38 -4.57 15.45
C ASN A 70 16.94 -4.95 15.78
N HIS A 71 16.06 -3.98 15.66
CA HIS A 71 14.64 -4.18 15.82
C HIS A 71 14.00 -4.52 14.48
N TYR A 72 12.92 -5.31 14.54
CA TYR A 72 12.15 -5.72 13.38
C TYR A 72 10.67 -5.79 13.77
N ALA A 73 9.79 -5.80 12.77
CA ALA A 73 8.38 -6.12 12.96
C ALA A 73 8.14 -7.54 12.48
N MET A 74 7.74 -8.42 13.40
CA MET A 74 7.52 -9.83 13.09
C MET A 74 6.02 -10.12 12.99
N LYS A 75 5.55 -10.43 11.78
CA LYS A 75 4.19 -10.91 11.56
C LYS A 75 4.10 -12.40 11.86
N ILE A 76 3.22 -12.77 12.80
CA ILE A 76 2.98 -14.15 13.23
C ILE A 76 1.59 -14.57 12.77
N LEU A 77 1.51 -15.65 11.99
CA LEU A 77 0.23 -16.25 11.59
C LEU A 77 0.05 -17.65 12.18
N ASP A 78 -1.12 -17.92 12.75
CA ASP A 78 -1.48 -19.24 13.27
C ASP A 78 -1.89 -20.12 12.10
N LYS A 79 -1.09 -21.16 11.81
CA LYS A 79 -1.38 -22.03 10.67
C LYS A 79 -2.81 -22.57 10.71
N GLN A 80 -3.26 -23.03 11.88
CA GLN A 80 -4.59 -23.63 11.90
C GLN A 80 -5.66 -22.58 11.63
N LYS A 81 -5.46 -21.34 12.12
CA LYS A 81 -6.42 -20.29 11.82
C LYS A 81 -6.40 -19.93 10.33
N VAL A 82 -5.21 -19.81 9.72
CA VAL A 82 -5.14 -19.52 8.28
C VAL A 82 -5.96 -20.54 7.50
N VAL A 83 -5.81 -21.81 7.85
CA VAL A 83 -6.56 -22.88 7.17
C VAL A 83 -8.05 -22.69 7.38
N LYS A 84 -8.47 -22.47 8.62
CA LYS A 84 -9.90 -22.33 8.92
C LYS A 84 -10.51 -21.20 8.12
N LEU A 85 -9.80 -20.08 7.98
CA LEU A 85 -10.30 -18.92 7.26
C LEU A 85 -10.05 -19.01 5.76
N LYS A 86 -9.52 -20.12 5.27
CA LYS A 86 -9.34 -20.34 3.83
C LYS A 86 -8.40 -19.29 3.22
N GLN A 87 -7.23 -19.14 3.83
CA GLN A 87 -6.29 -18.11 3.39
C GLN A 87 -4.91 -18.67 3.06
N ILE A 88 -4.81 -19.96 2.74
CA ILE A 88 -3.52 -20.58 2.44
C ILE A 88 -2.87 -19.90 1.24
N GLU A 89 -3.63 -19.73 0.15
CA GLU A 89 -3.02 -19.19 -1.07
C GLU A 89 -2.59 -17.73 -0.88
N HIS A 90 -3.43 -16.90 -0.24
CA HIS A 90 -3.06 -15.52 0.01
C HIS A 90 -1.82 -15.41 0.88
N THR A 91 -1.71 -16.24 1.92
CA THR A 91 -0.56 -16.21 2.82
C THR A 91 0.74 -16.59 2.09
N LEU A 92 0.69 -17.68 1.33
CA LEU A 92 1.86 -18.12 0.59
C LEU A 92 2.24 -17.13 -0.50
N ASN A 93 1.23 -16.52 -1.14
CA ASN A 93 1.49 -15.55 -2.20
C ASN A 93 2.10 -14.27 -1.63
N GLU A 94 1.60 -13.81 -0.47
CA GLU A 94 2.15 -12.59 0.13
C GLU A 94 3.62 -12.76 0.44
N LYS A 95 3.99 -13.89 1.06
CA LYS A 95 5.40 -14.13 1.37
C LYS A 95 6.23 -14.27 0.09
N ARG A 96 5.70 -14.96 -0.92
CA ARG A 96 6.46 -15.09 -2.16
C ARG A 96 6.68 -13.74 -2.85
N ILE A 97 5.68 -12.86 -2.81
CA ILE A 97 5.86 -11.53 -3.40
C ILE A 97 6.91 -10.74 -2.64
N LEU A 98 6.80 -10.71 -1.31
CA LEU A 98 7.67 -9.87 -0.51
C LEU A 98 9.13 -10.26 -0.66
N GLN A 99 9.39 -11.57 -0.75
CA GLN A 99 10.77 -12.01 -0.90
C GLN A 99 11.29 -11.75 -2.31
N ALA A 100 10.43 -11.41 -3.27
CA ALA A 100 10.90 -11.24 -4.64
C ALA A 100 11.00 -9.77 -5.08
N VAL A 101 10.27 -8.85 -4.44
CA VAL A 101 10.28 -7.47 -4.88
C VAL A 101 11.43 -6.69 -4.27
N ASN A 102 11.71 -5.51 -4.84
CA ASN A 102 12.74 -4.63 -4.33
C ASN A 102 12.43 -3.23 -4.84
N PHE A 103 12.08 -2.32 -3.93
CA PHE A 103 11.77 -0.94 -4.28
C PHE A 103 11.85 -0.14 -2.99
N PRO A 104 12.25 1.14 -3.05
CA PRO A 104 12.53 1.86 -1.78
C PRO A 104 11.31 2.11 -0.93
N PHE A 105 10.10 2.03 -1.48
CA PHE A 105 8.85 2.25 -0.73
C PHE A 105 8.06 0.96 -0.46
N LEU A 106 8.66 -0.21 -0.72
CA LEU A 106 8.06 -1.50 -0.37
C LEU A 106 8.83 -2.10 0.80
N VAL A 107 8.11 -2.54 1.83
CA VAL A 107 8.78 -3.02 3.04
C VAL A 107 9.66 -4.23 2.70
N LYS A 108 10.78 -4.33 3.41
CA LYS A 108 11.75 -5.39 3.18
C LYS A 108 11.55 -6.53 4.16
N LEU A 109 11.44 -7.72 3.60
CA LEU A 109 11.38 -8.96 4.36
C LEU A 109 12.79 -9.45 4.61
N GLU A 110 13.20 -9.50 5.87
CA GLU A 110 14.57 -9.88 6.22
C GLU A 110 14.71 -11.36 6.51
N PHE A 111 13.70 -11.96 7.15
CA PHE A 111 13.72 -13.36 7.51
C PHE A 111 12.30 -13.92 7.43
N SER A 112 12.21 -15.23 7.22
CA SER A 112 10.97 -15.97 7.40
C SER A 112 11.28 -17.39 7.86
N PHE A 113 10.32 -17.98 8.58
CA PHE A 113 10.45 -19.34 9.07
C PHE A 113 9.10 -19.75 9.64
N LYS A 114 9.02 -21.02 10.04
CA LYS A 114 7.79 -21.55 10.59
C LYS A 114 8.17 -22.53 11.70
N ASP A 115 7.19 -22.87 12.52
CA ASP A 115 7.34 -23.94 13.51
C ASP A 115 6.03 -24.70 13.59
N ASN A 116 5.87 -25.54 14.61
CA ASN A 116 4.71 -26.43 14.65
C ASN A 116 3.40 -25.65 14.53
N SER A 117 3.33 -24.46 15.12
CA SER A 117 2.07 -23.74 15.23
C SER A 117 1.95 -22.59 14.23
N ASN A 118 3.02 -21.86 13.98
CA ASN A 118 2.90 -20.55 13.35
C ASN A 118 3.81 -20.39 12.15
N LEU A 119 3.49 -19.37 11.33
CA LEU A 119 4.37 -18.84 10.31
C LEU A 119 4.87 -17.47 10.76
N TYR A 120 6.10 -17.15 10.39
CA TYR A 120 6.70 -15.89 10.81
C TYR A 120 7.30 -15.18 9.60
N MET A 121 6.94 -13.91 9.44
CA MET A 121 7.60 -13.01 8.50
C MET A 121 8.25 -11.89 9.31
N VAL A 122 9.58 -11.78 9.22
CA VAL A 122 10.32 -10.76 9.94
C VAL A 122 10.68 -9.64 8.96
N MET A 123 10.08 -8.47 9.18
CA MET A 123 10.23 -7.33 8.27
C MET A 123 10.94 -6.19 8.99
N GLU A 124 11.56 -5.30 8.20
CA GLU A 124 12.10 -4.08 8.75
C GLU A 124 11.05 -3.36 9.61
N TYR A 125 11.48 -2.81 10.75
CA TYR A 125 10.58 -2.04 11.60
C TYR A 125 10.43 -0.63 11.04
N VAL A 126 9.18 -0.20 10.82
CA VAL A 126 8.89 1.11 10.25
C VAL A 126 8.29 1.93 11.38
N PRO A 127 9.06 2.80 12.05
CA PRO A 127 8.64 3.29 13.36
C PRO A 127 7.63 4.41 13.35
N GLY A 128 7.31 4.98 12.19
CA GLY A 128 6.45 6.15 12.13
C GLY A 128 4.98 5.86 12.28
N GLY A 129 4.57 4.59 12.24
CA GLY A 129 3.14 4.26 12.33
C GLY A 129 2.40 4.45 11.02
N GLU A 130 1.07 4.30 11.11
CA GLU A 130 0.19 4.37 9.93
C GLU A 130 -0.06 5.82 9.53
N MET A 131 -0.10 6.06 8.21
CA MET A 131 -0.56 7.35 7.69
C MET A 131 -1.92 7.70 8.26
N PHE A 132 -2.79 6.69 8.43
CA PHE A 132 -4.13 6.91 8.96
C PHE A 132 -4.10 7.73 10.24
N SER A 133 -3.24 7.35 11.22
CA SER A 133 -3.17 8.07 12.49
C SER A 133 -2.78 9.52 12.31
N HIS A 134 -1.71 9.78 11.55
CA HIS A 134 -1.28 11.14 11.30
C HIS A 134 -2.34 11.96 10.59
N LEU A 135 -3.03 11.35 9.62
CA LEU A 135 -4.05 12.10 8.87
C LEU A 135 -5.23 12.47 9.76
N ARG A 136 -5.70 11.54 10.57
CA ARG A 136 -6.78 11.88 11.50
C ARG A 136 -6.34 12.88 12.56
N ARG A 137 -5.07 12.84 12.98
CA ARG A 137 -4.57 13.76 14.00
C ARG A 137 -4.46 15.19 13.45
N ILE A 138 -3.85 15.34 12.28
CA ILE A 138 -3.68 16.67 11.67
C ILE A 138 -4.98 17.14 11.06
N GLY A 139 -5.83 16.21 10.64
CA GLY A 139 -7.11 16.52 10.01
C GLY A 139 -7.04 16.30 8.51
N ARG A 140 -6.23 17.12 7.84
CA ARG A 140 -5.97 16.95 6.42
C ARG A 140 -4.55 17.44 6.12
N PHE A 141 -3.99 16.92 5.03
CA PHE A 141 -2.64 17.30 4.59
C PHE A 141 -2.79 18.43 3.53
N SEP A 142 -1.93 19.44 3.58
CA SEP A 142 -1.86 20.45 2.53
CB SEP A 142 -0.81 21.50 2.83
OG SEP A 142 0.46 20.90 2.80
C SEP A 142 -1.53 19.79 1.20
O SEP A 142 -1.04 18.66 1.16
P SEP A 142 1.65 21.82 3.41
O1P SEP A 142 1.42 23.36 2.98
O2P SEP A 142 3.02 21.27 2.77
O3P SEP A 142 1.69 21.63 5.01
H SEP A 142 -1.36 19.56 4.22
HA SEP A 142 -2.74 20.89 2.45
HB2 SEP A 142 -0.97 21.87 3.71
HB3 SEP A 142 -0.86 22.21 2.15
N GLU A 143 -1.80 20.48 0.09
CA GLU A 143 -1.61 19.82 -1.19
C GLU A 143 -0.14 19.43 -1.42
N PRO A 144 0.85 20.25 -1.02
CA PRO A 144 2.24 19.82 -1.21
C PRO A 144 2.61 18.57 -0.42
N HIS A 145 2.10 18.49 0.80
CA HIS A 145 2.24 17.34 1.70
C HIS A 145 1.58 16.09 1.10
N ALA A 146 0.33 16.21 0.66
CA ALA A 146 -0.34 15.11 -0.01
C ALA A 146 0.40 14.67 -1.28
N ARG A 147 0.90 15.65 -2.04
CA ARG A 147 1.58 15.35 -3.31
C ARG A 147 2.86 14.54 -3.09
N PHE A 148 3.61 14.88 -2.03
CA PHE A 148 4.82 14.14 -1.68
C PHE A 148 4.51 12.66 -1.48
N TYR A 149 3.44 12.35 -0.75
CA TYR A 149 3.02 10.96 -0.57
C TYR A 149 2.49 10.36 -1.87
N ALA A 150 1.65 11.10 -2.60
CA ALA A 150 1.06 10.57 -3.82
C ALA A 150 2.12 10.19 -4.84
N ALA A 151 3.18 10.99 -4.93
CA ALA A 151 4.26 10.69 -5.88
C ALA A 151 4.89 9.35 -5.56
N GLN A 152 5.05 9.03 -4.29
CA GLN A 152 5.63 7.75 -3.93
C GLN A 152 4.71 6.59 -4.33
N ILE A 153 3.38 6.77 -4.17
CA ILE A 153 2.44 5.73 -4.59
C ILE A 153 2.48 5.56 -6.11
N VAL A 154 2.49 6.67 -6.87
CA VAL A 154 2.58 6.58 -8.33
C VAL A 154 3.80 5.76 -8.73
N LEU A 155 4.96 6.07 -8.16
CA LEU A 155 6.16 5.32 -8.52
C LEU A 155 6.07 3.84 -8.12
N THR A 156 5.52 3.58 -6.93
CA THR A 156 5.37 2.20 -6.46
C THR A 156 4.40 1.41 -7.36
N PHE A 157 3.28 2.01 -7.74
CA PHE A 157 2.37 1.30 -8.64
C PHE A 157 2.99 1.13 -10.02
N GLU A 158 3.74 2.13 -10.50
CA GLU A 158 4.44 1.97 -11.78
C GLU A 158 5.34 0.75 -11.73
N TYR A 159 6.04 0.57 -10.61
CA TYR A 159 6.90 -0.58 -10.43
C TYR A 159 6.09 -1.88 -10.37
N LEU A 160 5.08 -1.94 -9.51
CA LEU A 160 4.31 -3.18 -9.34
C LEU A 160 3.62 -3.57 -10.64
N HIS A 161 3.04 -2.60 -11.34
CA HIS A 161 2.31 -2.93 -12.56
C HIS A 161 3.27 -3.39 -13.67
N SER A 162 4.51 -2.89 -13.67
CA SER A 162 5.50 -3.39 -14.63
C SER A 162 5.86 -4.85 -14.37
N LEU A 163 5.72 -5.33 -13.13
CA LEU A 163 5.86 -6.75 -12.78
C LEU A 163 4.57 -7.54 -13.01
N ASP A 164 3.56 -6.91 -13.61
CA ASP A 164 2.22 -7.47 -13.80
C ASP A 164 1.55 -7.78 -12.47
N LEU A 165 1.87 -7.03 -11.42
CA LEU A 165 1.20 -7.20 -10.13
C LEU A 165 0.16 -6.11 -9.92
N ILE A 166 -1.09 -6.54 -9.64
CA ILE A 166 -2.17 -5.67 -9.17
C ILE A 166 -2.07 -5.63 -7.65
N TYR A 167 -2.38 -4.47 -7.03
CA TYR A 167 -2.15 -4.28 -5.60
C TYR A 167 -3.44 -4.44 -4.79
N ARG A 168 -4.46 -3.62 -5.09
CA ARG A 168 -5.84 -3.74 -4.60
C ARG A 168 -6.10 -3.45 -3.12
N ASP A 169 -5.08 -3.10 -2.31
CA ASP A 169 -5.27 -2.91 -0.87
C ASP A 169 -4.86 -1.50 -0.42
N LEU A 170 -4.98 -0.50 -1.30
CA LEU A 170 -4.55 0.87 -0.96
C LEU A 170 -5.54 1.53 -0.03
N LYS A 171 -5.01 2.13 1.06
CA LYS A 171 -5.75 3.00 1.97
C LYS A 171 -4.79 3.52 3.03
N PRO A 172 -5.11 4.63 3.71
CA PRO A 172 -4.16 5.18 4.70
C PRO A 172 -3.84 4.20 5.81
N GLU A 173 -4.78 3.35 6.17
CA GLU A 173 -4.55 2.28 7.16
C GLU A 173 -3.42 1.33 6.77
N ASN A 174 -3.11 1.23 5.47
CA ASN A 174 -2.13 0.29 4.98
C ASN A 174 -0.86 0.96 4.46
N LEU A 175 -0.60 2.18 4.88
CA LEU A 175 0.63 2.89 4.54
C LEU A 175 1.34 3.31 5.81
N LEU A 176 2.62 2.95 5.94
CA LEU A 176 3.42 3.33 7.09
C LEU A 176 4.37 4.48 6.71
N ILE A 177 4.76 5.27 7.72
CA ILE A 177 5.72 6.34 7.57
C ILE A 177 7.02 5.94 8.26
N ASP A 178 8.14 6.10 7.55
CA ASP A 178 9.42 5.66 8.10
C ASP A 178 10.13 6.83 8.79
N GLN A 179 11.36 6.57 9.25
CA GLN A 179 12.04 7.55 10.07
C GLN A 179 12.42 8.81 9.28
N GLN A 180 12.55 8.71 7.95
CA GLN A 180 12.81 9.86 7.10
C GLN A 180 11.54 10.52 6.55
N GLY A 181 10.38 10.06 6.97
CA GLY A 181 9.10 10.61 6.55
C GLY A 181 8.58 10.06 5.24
N TYR A 182 9.21 9.00 4.71
CA TYR A 182 8.78 8.41 3.46
C TYR A 182 7.81 7.24 3.72
N ILE A 183 7.13 6.80 2.64
N ILE A 183 7.11 6.81 2.65
CA ILE A 183 6.08 5.77 2.67
CA ILE A 183 6.07 5.79 2.73
C ILE A 183 6.67 4.38 2.60
C ILE A 183 6.66 4.39 2.60
N GLN A 184 6.09 3.47 3.38
CA GLN A 184 6.35 2.05 3.26
C GLN A 184 5.01 1.33 3.05
N VAL A 185 4.93 0.52 1.98
CA VAL A 185 3.78 -0.32 1.66
C VAL A 185 4.08 -1.72 2.17
N THR A 186 3.15 -2.33 2.94
CA THR A 186 3.49 -3.57 3.65
C THR A 186 2.62 -4.78 3.33
N ASP A 187 1.33 -4.57 3.06
CA ASP A 187 0.34 -5.64 2.96
C ASP A 187 0.15 -6.10 1.51
N PHE A 188 0.41 -7.37 1.26
CA PHE A 188 0.35 -7.89 -0.10
C PHE A 188 -0.58 -9.08 -0.22
N GLY A 189 -1.52 -9.20 0.72
CA GLY A 189 -2.48 -10.29 0.74
C GLY A 189 -3.50 -10.27 -0.40
N PHE A 190 -3.77 -9.12 -1.00
CA PHE A 190 -4.65 -9.04 -2.17
C PHE A 190 -3.89 -8.89 -3.49
N ALA A 191 -2.57 -8.85 -3.46
CA ALA A 191 -1.82 -8.68 -4.69
C ALA A 191 -1.83 -9.96 -5.51
N LYS A 192 -1.78 -9.80 -6.82
CA LYS A 192 -1.93 -10.92 -7.73
C LYS A 192 -1.21 -10.62 -9.04
N ARG A 193 -0.66 -11.66 -9.67
CA ARG A 193 -0.13 -11.50 -11.03
C ARG A 193 -1.29 -11.47 -12.02
N VAL A 194 -1.47 -10.33 -12.68
CA VAL A 194 -2.60 -10.05 -13.57
C VAL A 194 -2.06 -9.34 -14.81
N LYS A 195 -1.92 -10.07 -15.92
CA LYS A 195 -1.55 -9.46 -17.20
C LYS A 195 -2.73 -8.93 -18.00
N GLY A 196 -3.93 -9.47 -17.76
CA GLY A 196 -5.14 -9.10 -18.48
C GLY A 196 -6.20 -8.67 -17.49
N ARG A 197 -7.17 -9.52 -17.24
CA ARG A 197 -8.22 -9.21 -16.30
C ARG A 197 -8.19 -10.17 -15.12
N THR A 198 -8.93 -9.80 -14.07
CA THR A 198 -9.17 -10.65 -12.92
C THR A 198 -10.55 -10.30 -12.38
N TRP A 199 -11.04 -11.15 -11.48
CA TRP A 199 -12.45 -11.06 -11.08
C TRP A 199 -12.79 -11.04 -9.60
N TPO A 200 -11.82 -11.23 -8.70
CA TPO A 200 -12.17 -11.37 -7.27
CB TPO A 200 -10.96 -11.86 -6.44
CG2 TPO A 200 -11.41 -12.28 -5.03
OG1 TPO A 200 -10.44 -13.06 -7.05
P TPO A 200 -8.94 -12.82 -7.59
O1P TPO A 200 -8.89 -11.58 -8.60
O2P TPO A 200 -8.63 -14.17 -8.38
O3P TPO A 200 -8.00 -12.64 -6.43
C TPO A 200 -12.73 -10.10 -6.63
O TPO A 200 -12.20 -8.98 -6.82
H TPO A 200 -10.98 -11.29 -8.87
HA TPO A 200 -12.86 -12.06 -7.19
HB TPO A 200 -10.19 -11.09 -6.38
HG21 TPO A 200 -10.55 -12.63 -4.46
HG22 TPO A 200 -12.15 -13.08 -5.10
HG23 TPO A 200 -11.86 -11.42 -4.53
N LEU A 201 -13.79 -10.27 -5.86
CA LEU A 201 -14.33 -9.16 -5.06
C LEU A 201 -13.49 -9.01 -3.79
N CYS A 202 -12.63 -8.00 -3.74
CA CYS A 202 -11.80 -7.75 -2.56
C CYS A 202 -11.48 -6.26 -2.50
N GLY A 203 -11.29 -5.77 -1.28
CA GLY A 203 -10.93 -4.39 -1.02
C GLY A 203 -11.71 -3.82 0.14
N THR A 204 -11.71 -2.49 0.24
CA THR A 204 -12.35 -1.75 1.31
C THR A 204 -13.40 -0.84 0.69
N PRO A 205 -14.63 -0.78 1.21
CA PRO A 205 -15.72 -0.11 0.46
C PRO A 205 -15.39 1.24 -0.10
N GLU A 206 -14.80 2.14 0.70
CA GLU A 206 -14.51 3.50 0.26
C GLU A 206 -13.54 3.54 -0.93
N TYR A 207 -12.68 2.53 -1.07
CA TYR A 207 -11.61 2.51 -2.05
C TYR A 207 -11.92 1.62 -3.26
N LEU A 208 -13.12 1.01 -3.33
CA LEU A 208 -13.45 0.09 -4.42
C LEU A 208 -13.75 0.84 -5.71
N ALA A 209 -13.11 0.42 -6.80
CA ALA A 209 -13.45 0.97 -8.10
C ALA A 209 -14.84 0.49 -8.53
N PRO A 210 -15.53 1.28 -9.34
CA PRO A 210 -16.87 0.88 -9.80
C PRO A 210 -16.92 -0.46 -10.48
N GLU A 211 -15.90 -0.81 -11.27
CA GLU A 211 -15.92 -2.08 -11.97
C GLU A 211 -15.78 -3.27 -11.05
N ILE A 212 -15.19 -3.12 -9.85
CA ILE A 212 -15.20 -4.21 -8.87
C ILE A 212 -16.59 -4.36 -8.27
N ILE A 213 -17.20 -3.23 -7.88
CA ILE A 213 -18.55 -3.22 -7.32
C ILE A 213 -19.52 -3.88 -8.28
N LEU A 214 -19.38 -3.60 -9.55
CA LEU A 214 -20.31 -4.08 -10.55
C LEU A 214 -19.95 -5.47 -11.05
N SER A 215 -19.02 -6.17 -10.37
CA SER A 215 -18.75 -7.58 -10.64
C SER A 215 -18.23 -7.80 -12.07
N LYS A 216 -17.37 -6.92 -12.54
CA LYS A 216 -16.79 -7.06 -13.87
C LYS A 216 -15.44 -7.76 -13.79
N GLY A 217 -14.97 -8.25 -14.94
CA GLY A 217 -13.57 -8.57 -15.08
C GLY A 217 -12.80 -7.27 -15.18
N TYR A 218 -11.91 -7.01 -14.24
CA TYR A 218 -11.25 -5.72 -14.18
C TYR A 218 -9.73 -5.89 -14.30
N ASN A 219 -9.01 -4.78 -14.36
CA ASN A 219 -7.56 -4.83 -14.58
C ASN A 219 -6.87 -3.86 -13.63
N LYS A 220 -5.60 -3.58 -13.90
CA LYS A 220 -4.79 -2.82 -12.97
C LYS A 220 -5.24 -1.37 -12.82
N ALA A 221 -6.17 -0.89 -13.66
CA ALA A 221 -6.68 0.46 -13.50
C ALA A 221 -7.46 0.64 -12.19
N VAL A 222 -7.82 -0.45 -11.50
CA VAL A 222 -8.47 -0.24 -10.21
C VAL A 222 -7.51 0.39 -9.22
N ASP A 223 -6.21 0.15 -9.37
CA ASP A 223 -5.22 0.78 -8.49
C ASP A 223 -5.16 2.28 -8.72
N TRP A 224 -5.34 2.73 -9.99
CA TRP A 224 -5.31 4.16 -10.24
C TRP A 224 -6.57 4.84 -9.74
N TRP A 225 -7.72 4.16 -9.82
CA TRP A 225 -8.92 4.66 -9.15
C TRP A 225 -8.63 4.84 -7.67
N ALA A 226 -8.06 3.80 -7.04
CA ALA A 226 -7.80 3.87 -5.61
C ALA A 226 -6.81 4.97 -5.24
N LEU A 227 -5.85 5.25 -6.12
CA LEU A 227 -4.98 6.40 -5.92
C LEU A 227 -5.78 7.70 -5.86
N GLY A 228 -6.75 7.86 -6.77
CA GLY A 228 -7.64 9.02 -6.70
C GLY A 228 -8.32 9.18 -5.35
N VAL A 229 -8.86 8.07 -4.81
CA VAL A 229 -9.51 8.09 -3.50
C VAL A 229 -8.53 8.52 -2.43
N LEU A 230 -7.29 7.97 -2.50
CA LEU A 230 -6.27 8.30 -1.52
C LEU A 230 -5.88 9.76 -1.56
N ILE A 231 -5.64 10.29 -2.76
CA ILE A 231 -5.24 11.70 -2.86
C ILE A 231 -6.35 12.58 -2.31
N TYR A 232 -7.60 12.29 -2.71
CA TYR A 232 -8.74 13.03 -2.19
C TYR A 232 -8.77 13.00 -0.67
N GLU A 233 -8.66 11.79 -0.07
CA GLU A 233 -8.80 11.71 1.38
C GLU A 233 -7.66 12.43 2.08
N MET A 234 -6.44 12.31 1.53
CA MET A 234 -5.30 13.00 2.14
C MET A 234 -5.52 14.51 2.16
N ALA A 235 -6.09 15.04 1.08
CA ALA A 235 -6.20 16.48 0.90
C ALA A 235 -7.45 17.06 1.52
N ALA A 236 -8.53 16.28 1.68
CA ALA A 236 -9.78 16.74 2.28
C ALA A 236 -9.93 16.34 3.75
N GLY A 237 -9.30 15.25 4.15
CA GLY A 237 -9.46 14.66 5.47
C GLY A 237 -10.59 13.65 5.58
N TYR A 238 -11.32 13.43 4.50
CA TYR A 238 -12.38 12.45 4.36
C TYR A 238 -12.41 12.00 2.91
N PRO A 239 -12.92 10.82 2.63
CA PRO A 239 -12.86 10.29 1.29
C PRO A 239 -13.99 10.80 0.42
N PRO A 240 -13.89 10.62 -0.90
CA PRO A 240 -14.90 11.19 -1.81
C PRO A 240 -16.28 10.54 -1.68
N PHE A 241 -16.35 9.29 -1.26
CA PHE A 241 -17.62 8.56 -1.19
C PHE A 241 -17.71 7.90 0.19
N PHE A 242 -18.66 8.35 1.01
CA PHE A 242 -18.92 7.76 2.31
C PHE A 242 -20.42 7.78 2.60
N ALA A 243 -20.80 6.95 3.58
CA ALA A 243 -22.20 6.73 3.93
C ALA A 243 -22.24 5.88 5.19
N ASP A 244 -23.45 5.75 5.76
CA ASP A 244 -23.58 4.94 6.98
C ASP A 244 -23.19 3.50 6.71
N GLN A 245 -23.56 2.96 5.55
CA GLN A 245 -23.42 1.55 5.23
C GLN A 245 -22.80 1.37 3.85
N PRO A 246 -22.06 0.28 3.65
CA PRO A 246 -21.39 0.11 2.35
C PRO A 246 -22.30 0.20 1.13
N ILE A 247 -23.57 -0.27 1.17
CA ILE A 247 -24.40 -0.24 -0.03
C ILE A 247 -24.56 1.18 -0.53
N GLN A 248 -24.77 2.14 0.39
CA GLN A 248 -24.93 3.54 -0.02
C GLN A 248 -23.65 4.12 -0.57
N ILE A 249 -22.50 3.66 -0.06
CA ILE A 249 -21.21 4.06 -0.61
C ILE A 249 -21.11 3.59 -2.07
N TYR A 250 -21.43 2.33 -2.33
CA TYR A 250 -21.34 1.79 -3.68
C TYR A 250 -22.24 2.56 -4.65
N GLU A 251 -23.43 2.96 -4.20
CA GLU A 251 -24.30 3.75 -5.07
C GLU A 251 -23.62 5.04 -5.49
N LYS A 252 -22.90 5.69 -4.58
CA LYS A 252 -22.23 6.94 -4.93
C LYS A 252 -21.06 6.70 -5.87
N ILE A 253 -20.27 5.65 -5.59
CA ILE A 253 -19.12 5.34 -6.44
C ILE A 253 -19.55 5.17 -7.88
N VAL A 254 -20.54 4.32 -8.14
CA VAL A 254 -20.86 4.01 -9.53
C VAL A 254 -21.60 5.15 -10.23
N SER A 255 -22.06 6.17 -9.50
CA SER A 255 -22.89 7.25 -10.06
C SER A 255 -22.16 8.15 -11.05
N GLY A 256 -20.83 8.19 -11.01
CA GLY A 256 -20.09 9.12 -11.86
C GLY A 256 -20.08 10.55 -11.38
N LYS A 257 -20.52 10.80 -10.14
CA LYS A 257 -20.55 12.13 -9.54
C LYS A 257 -19.62 12.14 -8.34
N VAL A 258 -18.83 13.22 -8.24
CA VAL A 258 -17.92 13.45 -7.12
C VAL A 258 -17.93 14.95 -6.87
N ARG A 259 -17.96 15.31 -5.60
CA ARG A 259 -17.93 16.71 -5.17
C ARG A 259 -16.64 16.96 -4.38
N PHE A 260 -16.18 18.21 -4.43
CA PHE A 260 -14.89 18.57 -3.87
C PHE A 260 -15.01 19.71 -2.84
N PRO A 261 -14.18 19.71 -1.81
CA PRO A 261 -14.09 20.90 -0.95
C PRO A 261 -13.68 22.15 -1.73
N SER A 262 -14.19 23.30 -1.30
CA SER A 262 -13.88 24.54 -2.01
C SER A 262 -12.41 24.91 -1.92
N HIS A 263 -11.65 24.35 -0.95
CA HIS A 263 -10.22 24.64 -0.89
C HIS A 263 -9.35 23.80 -1.83
N PHE A 264 -9.90 22.79 -2.51
CA PHE A 264 -9.10 22.07 -3.51
C PHE A 264 -8.73 23.00 -4.68
N SER A 265 -7.46 22.95 -5.09
CA SER A 265 -7.04 23.67 -6.29
C SER A 265 -7.74 23.09 -7.52
N SER A 266 -7.85 23.95 -8.54
CA SER A 266 -8.38 23.47 -9.82
C SER A 266 -7.52 22.36 -10.41
N ASP A 267 -6.19 22.47 -10.30
CA ASP A 267 -5.31 21.36 -10.75
C ASP A 267 -5.63 20.05 -10.03
N LEU A 268 -5.79 20.08 -8.71
CA LEU A 268 -6.15 18.87 -7.97
C LEU A 268 -7.48 18.28 -8.45
N LYS A 269 -8.52 19.13 -8.60
CA LYS A 269 -9.81 18.62 -9.05
C LYS A 269 -9.70 17.99 -10.43
N ASP A 270 -8.94 18.61 -11.34
CA ASP A 270 -8.81 18.02 -12.67
C ASP A 270 -8.16 16.64 -12.59
N LEU A 271 -7.08 16.52 -11.83
CA LEU A 271 -6.43 15.21 -11.68
C LEU A 271 -7.42 14.19 -11.12
N LEU A 272 -8.14 14.57 -10.05
CA LEU A 272 -9.07 13.64 -9.42
C LEU A 272 -10.22 13.24 -10.35
N ARG A 273 -10.70 14.17 -11.17
CA ARG A 273 -11.78 13.79 -12.09
C ARG A 273 -11.32 12.79 -13.13
N ASN A 274 -10.01 12.79 -13.47
CA ASN A 274 -9.47 11.84 -14.44
C ASN A 274 -9.05 10.51 -13.79
N LEU A 275 -8.79 10.49 -12.48
CA LEU A 275 -8.56 9.22 -11.77
C LEU A 275 -9.87 8.58 -11.32
N LEU A 276 -10.80 9.36 -10.76
CA LEU A 276 -12.10 8.89 -10.31
C LEU A 276 -13.10 8.88 -11.47
N GLN A 277 -12.63 8.33 -12.58
CA GLN A 277 -13.37 8.26 -13.83
C GLN A 277 -14.01 6.89 -13.92
N VAL A 278 -15.35 6.85 -13.93
CA VAL A 278 -16.05 5.58 -13.96
C VAL A 278 -15.84 4.86 -15.31
N ASP A 279 -15.66 5.61 -16.39
CA ASP A 279 -15.46 5.05 -17.73
C ASP A 279 -13.99 4.64 -17.89
N LEU A 280 -13.74 3.34 -17.98
CA LEU A 280 -12.36 2.86 -18.17
C LEU A 280 -11.70 3.35 -19.45
N THR A 281 -12.44 3.72 -20.49
CA THR A 281 -11.80 4.22 -21.69
C THR A 281 -11.28 5.63 -21.52
N LYS A 282 -11.50 6.24 -20.36
CA LYS A 282 -11.12 7.61 -20.13
C LYS A 282 -10.31 7.79 -18.87
N ARG A 283 -10.07 6.73 -18.11
CA ARG A 283 -9.39 6.87 -16.83
C ARG A 283 -7.88 6.97 -17.01
N PHE A 284 -7.29 7.96 -16.35
CA PHE A 284 -5.85 8.11 -16.31
C PHE A 284 -5.20 6.89 -15.69
N GLY A 285 -4.11 6.47 -16.29
CA GLY A 285 -3.43 5.27 -15.93
C GLY A 285 -3.86 4.09 -16.78
N ASN A 286 -4.97 4.23 -17.50
CA ASN A 286 -5.47 3.14 -18.34
C ASN A 286 -5.49 3.50 -19.82
N LEU A 287 -4.81 4.59 -20.21
CA LEU A 287 -4.87 5.08 -21.59
C LEU A 287 -3.60 4.68 -22.33
N LYS A 288 -3.55 5.04 -23.63
CA LYS A 288 -2.36 4.72 -24.44
C LYS A 288 -1.07 5.23 -23.79
N ASN A 289 -1.11 6.41 -23.16
N ASN A 289 -1.10 6.40 -23.17
CA ASN A 289 0.07 7.01 -22.54
CA ASN A 289 0.09 6.99 -22.56
C ASN A 289 0.37 6.44 -21.16
C ASN A 289 0.34 6.49 -21.13
N GLY A 290 -0.43 5.50 -20.67
CA GLY A 290 -0.12 4.84 -19.42
C GLY A 290 0.06 5.78 -18.24
N VAL A 291 1.11 5.50 -17.45
N VAL A 291 1.08 5.50 -17.43
CA VAL A 291 1.34 6.26 -16.22
CA VAL A 291 1.29 6.28 -16.22
C VAL A 291 1.81 7.67 -16.51
C VAL A 291 1.70 7.72 -16.55
N ASN A 292 2.22 7.96 -17.76
CA ASN A 292 2.70 9.30 -18.06
C ASN A 292 1.58 10.35 -18.00
N ASP A 293 0.32 9.98 -18.28
CA ASP A 293 -0.78 10.93 -18.12
C ASP A 293 -0.84 11.43 -16.69
N ILE A 294 -0.50 10.58 -15.72
CA ILE A 294 -0.50 11.01 -14.32
C ILE A 294 0.75 11.83 -14.03
N LYS A 295 1.92 11.32 -14.42
CA LYS A 295 3.17 11.95 -14.01
C LYS A 295 3.33 13.32 -14.63
N ASN A 296 2.73 13.55 -15.81
CA ASN A 296 2.85 14.82 -16.52
C ASN A 296 1.67 15.74 -16.27
N HIS A 297 0.76 15.37 -15.37
CA HIS A 297 -0.35 16.26 -15.06
C HIS A 297 0.14 17.52 -14.31
N LYS A 298 -0.55 18.63 -14.53
CA LYS A 298 -0.14 19.90 -13.90
C LYS A 298 -0.04 19.82 -12.38
N TRP A 299 -0.88 19.02 -11.70
CA TRP A 299 -0.77 18.96 -10.25
C TRP A 299 0.57 18.42 -9.81
N PHE A 300 1.24 17.65 -10.65
CA PHE A 300 2.57 17.12 -10.34
C PHE A 300 3.70 17.90 -11.02
N ALA A 301 3.43 19.12 -11.51
CA ALA A 301 4.44 19.85 -12.27
C ALA A 301 5.71 20.12 -11.44
N THR A 302 5.58 20.32 -10.13
CA THR A 302 6.73 20.58 -9.27
C THR A 302 7.41 19.33 -8.75
N THR A 303 6.93 18.16 -9.12
CA THR A 303 7.45 16.91 -8.61
C THR A 303 8.69 16.50 -9.40
N ASP A 304 9.81 16.32 -8.70
CA ASP A 304 11.03 15.76 -9.28
C ASP A 304 11.03 14.25 -9.02
N TRP A 305 10.60 13.48 -10.01
CA TRP A 305 10.34 12.06 -9.79
C TRP A 305 11.61 11.30 -9.42
N ILE A 306 12.74 11.62 -10.06
CA ILE A 306 13.98 10.93 -9.71
C ILE A 306 14.38 11.27 -8.28
N ALA A 307 14.23 12.53 -7.88
CA ALA A 307 14.61 12.92 -6.53
C ALA A 307 13.75 12.20 -5.48
N ILE A 308 12.46 11.99 -5.77
CA ILE A 308 11.59 11.24 -4.85
C ILE A 308 12.08 9.79 -4.74
N TYR A 309 12.35 9.15 -5.88
CA TYR A 309 12.86 7.78 -5.89
C TYR A 309 14.14 7.66 -5.09
N GLN A 310 15.06 8.64 -5.25
CA GLN A 310 16.36 8.64 -4.55
C GLN A 310 16.24 9.09 -3.11
N ARG A 311 15.03 9.43 -2.66
CA ARG A 311 14.78 9.85 -1.28
C ARG A 311 15.64 11.05 -0.91
N LYS A 312 15.84 11.95 -1.86
CA LYS A 312 16.60 13.18 -1.66
C LYS A 312 15.74 14.41 -1.42
N VAL A 313 14.40 14.28 -1.45
CA VAL A 313 13.49 15.38 -1.15
C VAL A 313 13.27 15.43 0.35
N GLU A 314 13.30 16.62 0.92
CA GLU A 314 13.03 16.76 2.34
C GLU A 314 11.56 16.49 2.59
N ALA A 315 11.28 15.57 3.49
CA ALA A 315 9.90 15.23 3.75
C ALA A 315 9.19 16.36 4.48
N PRO A 316 7.88 16.52 4.23
CA PRO A 316 7.13 17.60 4.92
C PRO A 316 6.96 17.37 6.40
N PHE A 317 7.10 16.14 6.86
CA PHE A 317 6.83 15.78 8.22
C PHE A 317 7.72 14.60 8.60
N ILE A 318 8.36 14.68 9.76
CA ILE A 318 9.24 13.62 10.27
C ILE A 318 8.61 13.10 11.56
N PRO A 319 8.25 11.83 11.66
CA PRO A 319 7.59 11.36 12.89
C PRO A 319 8.55 11.34 14.07
N LYS A 320 7.97 11.56 15.25
CA LYS A 320 8.73 11.55 16.48
C LYS A 320 9.38 10.19 16.68
N PHE A 321 10.68 10.20 16.96
CA PHE A 321 11.43 8.97 17.14
C PHE A 321 12.44 9.25 18.25
N LYS A 322 12.13 8.78 19.45
CA LYS A 322 13.01 8.94 20.61
C LYS A 322 14.00 7.80 20.73
N GLY A 323 14.50 7.29 19.60
CA GLY A 323 15.50 6.24 19.60
C GLY A 323 14.98 4.96 18.98
N PRO A 324 15.86 3.95 18.84
CA PRO A 324 15.42 2.68 18.26
C PRO A 324 14.47 1.96 19.19
N GLY A 325 13.59 1.17 18.59
CA GLY A 325 12.58 0.48 19.37
C GLY A 325 11.47 1.35 19.93
N ASP A 326 11.48 2.65 19.64
CA ASP A 326 10.36 3.51 20.03
C ASP A 326 9.09 3.00 19.36
N THR A 327 8.01 2.87 20.14
CA THR A 327 6.72 2.42 19.61
C THR A 327 5.61 3.45 19.84
N SER A 328 5.97 4.71 20.11
CA SER A 328 4.95 5.70 20.47
C SER A 328 3.96 5.98 19.34
N ASN A 329 4.31 5.68 18.10
CA ASN A 329 3.39 5.94 16.99
C ASN A 329 2.43 4.79 16.73
N PHE A 330 2.49 3.72 17.51
CA PHE A 330 1.57 2.60 17.38
C PHE A 330 0.67 2.49 18.60
N ASP A 331 -0.42 1.74 18.43
CA ASP A 331 -1.43 1.54 19.46
C ASP A 331 -0.95 0.54 20.49
N ASP A 332 -1.69 0.47 21.58
CA ASP A 332 -1.39 -0.42 22.69
C ASP A 332 -2.35 -1.60 22.65
N TYR A 333 -1.84 -2.79 22.94
CA TYR A 333 -2.61 -4.02 22.80
C TYR A 333 -2.30 -4.93 23.96
N GLU A 334 -3.20 -5.89 24.18
CA GLU A 334 -3.00 -6.90 25.21
C GLU A 334 -2.07 -7.97 24.66
N GLU A 335 -1.03 -8.30 25.43
CA GLU A 335 0.05 -9.15 24.94
C GLU A 335 -0.34 -10.62 25.15
N GLU A 336 -1.04 -11.19 24.16
CA GLU A 336 -1.27 -12.62 24.14
C GLU A 336 0.04 -13.37 23.93
N GLU A 337 0.13 -14.57 24.50
CA GLU A 337 1.38 -15.34 24.45
C GLU A 337 1.56 -15.97 23.07
N ILE A 338 2.81 -16.31 22.77
CA ILE A 338 3.15 -17.02 21.53
C ILE A 338 3.33 -18.47 21.92
N ARG A 339 2.22 -19.21 21.94
CA ARG A 339 2.27 -20.62 22.27
C ARG A 339 2.64 -21.43 21.05
N VAL A 340 3.68 -22.25 21.17
CA VAL A 340 4.00 -23.25 20.16
C VAL A 340 3.35 -24.54 20.68
N SEP A 341 3.48 -25.63 19.92
CA SEP A 341 2.82 -26.86 20.30
CB SEP A 341 1.45 -26.96 19.62
OG SEP A 341 1.08 -28.29 19.26
C SEP A 341 3.73 -28.05 19.94
O SEP A 341 4.53 -27.96 19.02
P SEP A 341 0.13 -28.96 20.37
O1P SEP A 341 0.96 -29.09 21.74
O2P SEP A 341 -0.25 -30.43 19.81
O3P SEP A 341 -1.21 -28.13 20.64
HA SEP A 341 2.68 -26.88 21.27
HB2 SEP A 341 1.46 -26.42 18.81
HB3 SEP A 341 0.78 -26.61 20.23
N ILE A 342 3.61 -29.14 20.71
CA ILE A 342 4.49 -30.28 20.55
C ILE A 342 4.18 -31.04 19.26
N ASN A 343 3.02 -30.77 18.67
CA ASN A 343 2.54 -31.45 17.47
C ASN A 343 2.53 -30.47 16.30
N GLU A 344 3.21 -30.83 15.22
CA GLU A 344 3.14 -30.03 14.01
C GLU A 344 1.69 -29.85 13.59
N LYS A 345 1.38 -28.68 13.07
CA LYS A 345 0.05 -28.39 12.55
C LYS A 345 0.19 -27.99 11.09
N CYS A 346 -0.60 -28.64 10.22
CA CYS A 346 -0.80 -28.21 8.83
C CYS A 346 0.51 -28.20 8.02
N GLY A 347 1.30 -29.26 8.17
CA GLY A 347 2.58 -29.33 7.48
C GLY A 347 2.46 -29.41 5.97
N LYS A 348 1.47 -30.17 5.47
CA LYS A 348 1.29 -30.31 4.03
C LYS A 348 0.96 -28.97 3.39
N GLU A 349 -0.04 -28.27 3.91
CA GLU A 349 -0.54 -27.06 3.29
C GLU A 349 0.56 -26.00 3.19
N PHE A 350 1.43 -25.92 4.18
CA PHE A 350 2.42 -24.85 4.23
C PHE A 350 3.84 -25.32 3.90
N THR A 351 3.96 -26.44 3.16
CA THR A 351 5.29 -26.97 2.86
C THR A 351 6.17 -25.95 2.13
N GLU A 352 5.60 -25.10 1.27
CA GLU A 352 6.46 -24.20 0.50
C GLU A 352 6.85 -22.94 1.28
N PHE A 353 6.23 -22.66 2.41
CA PHE A 353 6.54 -21.43 3.14
C PHE A 353 7.99 -21.45 3.65
N THR B 1 -22.13 20.41 7.56
CA THR B 1 -21.05 20.42 6.58
C THR B 1 -20.79 19.01 6.06
N THR B 2 -20.00 18.89 4.99
CA THR B 2 -19.61 17.55 4.53
C THR B 2 -18.83 16.81 5.62
N TYR B 3 -17.93 17.53 6.32
CA TYR B 3 -17.16 16.90 7.38
C TYR B 3 -18.09 16.40 8.49
N ALA B 4 -19.08 17.21 8.85
CA ALA B 4 -20.06 16.79 9.85
C ALA B 4 -20.76 15.51 9.43
N ASP B 5 -21.18 15.41 8.16
CA ASP B 5 -21.79 14.20 7.64
C ASP B 5 -20.85 13.01 7.71
N PHE B 6 -19.56 13.25 7.46
CA PHE B 6 -18.57 12.19 7.60
C PHE B 6 -18.55 11.62 9.02
N ILE B 7 -18.39 12.50 10.01
CA ILE B 7 -18.40 12.09 11.42
C ILE B 7 -19.67 11.29 11.73
N ALA B 8 -20.80 11.79 11.26
CA ALA B 8 -22.08 11.16 11.57
C ALA B 8 -22.20 9.81 10.90
N SER B 9 -21.52 9.58 9.77
CA SER B 9 -21.54 8.26 9.17
C SER B 9 -20.97 7.21 10.10
N GLY B 10 -20.08 7.61 11.02
CA GLY B 10 -19.40 6.68 11.89
C GLY B 10 -18.21 5.93 11.29
N ARG B 11 -18.00 6.03 9.98
CA ARG B 11 -16.95 5.27 9.31
C ARG B 11 -15.64 6.06 9.27
N THR B 12 -15.27 6.57 10.45
CA THR B 12 -14.17 7.50 10.58
C THR B 12 -12.97 6.90 11.30
N GLY B 13 -13.09 5.68 11.82
CA GLY B 13 -11.96 4.93 12.33
C GLY B 13 -11.39 3.99 11.28
N ARG B 14 -10.52 3.10 11.72
CA ARG B 14 -9.89 2.21 10.76
C ARG B 14 -10.93 1.28 10.12
N ARG B 15 -10.84 1.14 8.79
CA ARG B 15 -11.87 0.49 7.98
C ARG B 15 -11.43 -0.91 7.59
N ASP B 16 -12.34 -1.88 7.75
CA ASP B 16 -12.06 -3.27 7.40
C ASP B 16 -12.28 -3.52 5.91
N ALA B 17 -11.56 -4.51 5.39
CA ALA B 17 -11.84 -4.99 4.04
C ALA B 17 -13.14 -5.77 4.04
N ILE B 18 -13.73 -5.93 2.86
CA ILE B 18 -15.00 -6.61 2.76
C ILE B 18 -14.83 -8.11 2.84
O1 M77 C . 1.31 -3.99 12.02
S1 M77 C . 1.57 -3.13 10.90
O2 M77 C . 1.64 -1.71 11.10
N4 M77 C . 0.38 -3.40 9.81
C22 M77 C . 0.50 -2.79 8.47
C21 M77 C . -0.52 -1.73 8.09
N17 M77 C . -1.83 -2.34 7.79
C16 M77 C . -2.30 -3.17 8.91
C20 M77 C . -1.70 -4.55 9.03
C15 M77 C . -0.47 -4.61 9.93
C5 M77 C . 3.10 -3.63 10.17
C6 M77 C . 3.03 -4.59 9.19
C7 M77 C . 4.17 -4.98 8.51
C8 M77 C . 5.38 -4.41 8.78
C9 M77 C . 5.50 -3.42 9.79
C10 M77 C . 4.35 -3.03 10.53
C11 M77 C . 4.53 -2.06 11.54
C14 M77 C . 6.73 -2.78 10.10
N13 M77 C . 6.87 -1.87 11.04
C12 M77 C . 5.77 -1.53 11.74
H221 M77 C . 0.47 -3.59 7.74
H222 M77 C . 1.51 -2.39 8.37
H211 M77 C . -0.61 -0.96 8.86
H212 M77 C . -0.18 -1.21 7.20
H17 M77 C . -2.51 -1.63 7.53
H161 M77 C . -2.15 -2.61 9.83
H162 M77 C . -3.38 -3.25 8.79
H201 M77 C . -2.46 -5.24 9.41
H202 M77 C . -1.47 -4.95 8.04
H151 M77 C . 0.12 -5.49 9.72
H152 M77 C . -0.78 -4.74 10.97
H6 M77 C . 2.09 -5.07 8.93
H7 M77 C . 4.09 -5.76 7.74
H8 M77 C . 6.27 -4.70 8.22
H11 M77 C . 3.70 -1.75 12.17
H14 M77 C . 7.64 -3.03 9.55
H12 M77 C . 5.94 -0.78 12.51
C1 RIP D . -14.93 9.10 13.65
C2 RIP D . -16.11 9.33 14.57
C3 RIP D . -16.60 8.01 15.16
C4 RIP D . -15.49 7.18 15.79
C5 RIP D . -14.33 7.10 14.82
O2 RIP D . -15.71 10.25 15.58
O3 RIP D . -17.64 8.27 16.12
O4 RIP D . -15.04 7.74 17.03
O5 RIP D . -13.94 8.41 14.39
H1 RIP D . -14.54 10.04 13.26
H2 RIP D . -16.94 9.77 14.01
H3 RIP D . -17.04 7.42 14.36
H4 RIP D . -15.85 6.19 16.07
H51 RIP D . -14.60 6.62 13.88
H52 RIP D . -13.48 6.57 15.24
HO2 RIP D . -16.04 11.14 15.30
HO3 RIP D . -18.39 7.66 15.90
HO4 RIP D . -14.31 8.40 16.84
#